data_7C1S
#
_entry.id   7C1S
#
_cell.length_a   52.828
_cell.length_b   72.386
_cell.length_c   108.582
_cell.angle_alpha   90.000
_cell.angle_beta   90.000
_cell.angle_gamma   90.000
#
_symmetry.space_group_name_H-M   'P 21 21 21'
#
loop_
_entity.id
_entity.type
_entity.pdbx_description
1 polymer 'Non-ribosomal peptide synthetase modules'
2 non-polymer 'OCTANOYL-COENZYME A'
3 non-polymer 'S-(2-acetamidoethyl) (2S)-2-azanyl-4-methyl-pentanethioate'
4 water water
#
_entity_poly.entity_id   1
_entity_poly.type   'polypeptide(L)'
_entity_poly.pdbx_seq_one_letter_code
;GSHMDASVMSTTYALSAAQTEIWLAQQLYPDSPVYNIAQYTVIEGVIEPAVFEAALRQVIDEADTLRLQFIDSDDGLRQR
IGTPAWSMPVLDLTAQADPQAAAQAWMRADYQQPVNLTQGPLFCYALLKVAPAQWMWYQRYHVIMMDGYGAYLIAQRVAY
VYSALCEGTTPAECDFGSILQLLESDAQYQISAQRAQDEAYWLKHCANWSEPATLASRSAPVLQQRLRQTTYLAIQALGD
TAPDARRLAQFMTAAMAAYLYRFTGEQDVVLGLPVKVRFGADRHIPGMKSNTLPLRLTMRPGMNLSSLMQQAAQEMQSGL
RHQRYPSEALRRQLGMPSGQRLFGTTVNVMPFDLDLSFGGYSATNHNLLNGPAEDLMLGVYWTPGSHQLRIDFDANPACY
TPEGLGAHQRRFIRFMQVLAADATQPIDSIDLLD
;
_entity_poly.pdbx_strand_id   A
#
loop_
_chem_comp.id
_chem_comp.type
_chem_comp.name
_chem_comp.formula
CO8 non-polymer 'OCTANOYL-COENZYME A' 'C29 H50 N7 O17 P3 S'
FGU non-polymer 'S-(2-acetamidoethyl) (2S)-2-azanyl-4-methyl-pentanethioate' 'C10 H20 N2 O2 S'
#
# COMPACT_ATOMS: atom_id res chain seq x y z
N GLY A 1 34.77 -22.00 -16.43
CA GLY A 1 33.43 -21.60 -16.01
C GLY A 1 32.41 -21.72 -17.11
N SER A 2 31.24 -21.12 -16.88
CA SER A 2 30.14 -21.13 -17.85
C SER A 2 29.68 -19.70 -18.09
N HIS A 3 29.51 -19.34 -19.37
CA HIS A 3 29.23 -17.96 -19.74
C HIS A 3 27.83 -17.52 -19.40
N MET A 4 26.92 -18.44 -19.09
CA MET A 4 25.52 -18.07 -18.87
C MET A 4 25.38 -17.18 -17.64
N ASP A 5 26.06 -17.53 -16.54
CA ASP A 5 26.00 -16.70 -15.35
C ASP A 5 26.63 -15.33 -15.59
N ALA A 6 27.72 -15.28 -16.35
CA ALA A 6 28.35 -14.01 -16.66
C ALA A 6 27.42 -13.11 -17.47
N SER A 7 26.76 -13.67 -18.48
CA SER A 7 25.81 -12.89 -19.27
C SER A 7 24.60 -12.48 -18.46
N VAL A 8 24.17 -13.32 -17.51
CA VAL A 8 23.08 -12.94 -16.61
C VAL A 8 23.49 -11.73 -15.77
N MET A 9 24.71 -11.76 -15.24
CA MET A 9 25.18 -10.66 -14.40
C MET A 9 25.39 -9.38 -15.21
N SER A 10 25.83 -9.50 -16.46
CA SER A 10 26.12 -8.32 -17.25
C SER A 10 24.88 -7.73 -17.93
N THR A 11 23.77 -8.46 -17.98
CA THR A 11 22.56 -7.99 -18.63
C THR A 11 21.45 -7.71 -17.62
N THR A 12 21.80 -7.43 -16.37
CA THR A 12 20.80 -7.24 -15.33
C THR A 12 21.21 -6.07 -14.43
N TYR A 13 20.25 -5.63 -13.62
CA TYR A 13 20.46 -4.61 -12.60
C TYR A 13 20.23 -5.21 -11.23
N ALA A 14 20.91 -4.67 -10.22
CA ALA A 14 20.67 -5.08 -8.86
C ALA A 14 19.32 -4.58 -8.36
N LEU A 15 18.75 -5.28 -7.40
CA LEU A 15 17.51 -4.85 -6.79
C LEU A 15 17.74 -3.60 -5.93
N SER A 16 16.68 -2.80 -5.80
CA SER A 16 16.73 -1.65 -4.91
C SER A 16 16.66 -2.14 -3.45
N ALA A 17 16.76 -1.19 -2.53
CA ALA A 17 16.69 -1.53 -1.11
C ALA A 17 15.30 -2.09 -0.75
N ALA A 18 14.24 -1.40 -1.20
CA ALA A 18 12.90 -1.89 -0.94
C ALA A 18 12.66 -3.24 -1.63
N GLN A 19 13.12 -3.38 -2.87
CA GLN A 19 12.99 -4.66 -3.55
C GLN A 19 13.78 -5.75 -2.83
N THR A 20 14.97 -5.41 -2.32
CA THR A 20 15.76 -6.39 -1.58
C THR A 20 15.02 -6.85 -0.33
N GLU A 21 14.43 -5.91 0.42
CA GLU A 21 13.69 -6.31 1.62
C GLU A 21 12.46 -7.14 1.25
N ILE A 22 11.77 -6.79 0.17
CA ILE A 22 10.62 -7.57 -0.27
C ILE A 22 11.05 -9.00 -0.60
N TRP A 23 12.14 -9.15 -1.34
CA TRP A 23 12.60 -10.48 -1.72
C TRP A 23 13.06 -11.29 -0.52
N LEU A 24 13.78 -10.64 0.40
CA LEU A 24 14.23 -11.34 1.61
C LEU A 24 13.06 -11.81 2.44
N ALA A 25 12.01 -10.98 2.55
CA ALA A 25 10.85 -11.37 3.33
C ALA A 25 10.06 -12.46 2.64
N GLN A 26 9.96 -12.42 1.31
CA GLN A 26 9.18 -13.42 0.60
C GLN A 26 9.90 -14.77 0.52
N GLN A 27 11.24 -14.75 0.61
CA GLN A 27 11.98 -16.01 0.52
C GLN A 27 11.71 -16.92 1.70
N LEU A 28 11.32 -16.35 2.85
CA LEU A 28 11.02 -17.18 4.02
C LEU A 28 9.78 -18.04 3.80
N TYR A 29 8.83 -17.55 3.00
CA TYR A 29 7.62 -18.30 2.67
C TYR A 29 7.32 -18.08 1.19
N PRO A 30 7.97 -18.84 0.31
CA PRO A 30 7.80 -18.60 -1.14
C PRO A 30 6.41 -18.95 -1.67
N ASP A 31 5.58 -19.66 -0.90
CA ASP A 31 4.25 -20.01 -1.32
C ASP A 31 3.18 -19.08 -0.76
N SER A 32 3.58 -17.93 -0.21
CA SER A 32 2.65 -17.02 0.43
C SER A 32 2.39 -15.84 -0.49
N PRO A 33 1.18 -15.69 -1.04
CA PRO A 33 0.92 -14.55 -1.93
C PRO A 33 0.55 -13.29 -1.17
N VAL A 34 1.06 -13.14 0.05
CA VAL A 34 0.74 -11.95 0.84
C VAL A 34 1.37 -10.70 0.24
N TYR A 35 2.36 -10.85 -0.64
CA TYR A 35 3.04 -9.70 -1.25
C TYR A 35 2.37 -9.28 -2.56
N ASN A 36 1.13 -9.68 -2.77
CA ASN A 36 0.35 -9.20 -3.90
C ASN A 36 -0.49 -8.00 -3.47
N ILE A 37 -0.52 -6.97 -4.32
CA ILE A 37 -1.49 -5.88 -4.19
C ILE A 37 -2.48 -6.02 -5.32
N ALA A 38 -3.73 -5.64 -5.05
CA ALA A 38 -4.77 -5.84 -6.04
C ALA A 38 -5.87 -4.80 -5.84
N GLN A 39 -6.47 -4.39 -6.96
CA GLN A 39 -7.62 -3.52 -6.92
C GLN A 39 -8.46 -3.77 -8.16
N TYR A 40 -9.62 -3.12 -8.21
CA TYR A 40 -10.46 -3.20 -9.38
C TYR A 40 -11.23 -1.91 -9.54
N THR A 41 -11.37 -1.47 -10.78
CA THR A 41 -12.10 -0.26 -11.13
C THR A 41 -13.46 -0.67 -11.70
N VAL A 42 -14.52 -0.25 -11.01
CA VAL A 42 -15.88 -0.44 -11.51
C VAL A 42 -16.17 0.69 -12.48
N ILE A 43 -16.50 0.34 -13.72
CA ILE A 43 -16.78 1.30 -14.79
C ILE A 43 -18.27 1.24 -15.09
N GLU A 44 -18.93 2.40 -14.99
CA GLU A 44 -20.37 2.49 -15.23
C GLU A 44 -20.62 2.90 -16.68
N GLY A 45 -20.42 1.94 -17.57
CA GLY A 45 -20.62 2.18 -18.99
C GLY A 45 -20.19 0.98 -19.81
N VAL A 46 -20.11 1.21 -21.11
CA VAL A 46 -19.76 0.18 -22.08
C VAL A 46 -18.26 0.27 -22.37
N ILE A 47 -17.55 -0.83 -22.17
CA ILE A 47 -16.12 -0.90 -22.45
C ILE A 47 -15.91 -1.85 -23.62
N GLU A 48 -15.14 -1.41 -24.61
CA GLU A 48 -14.77 -2.27 -25.73
C GLU A 48 -13.46 -2.98 -25.39
N PRO A 49 -13.47 -4.31 -25.27
CA PRO A 49 -12.25 -5.01 -24.81
C PRO A 49 -11.05 -4.83 -25.73
N ALA A 50 -11.26 -4.67 -27.04
CA ALA A 50 -10.13 -4.51 -27.94
C ALA A 50 -9.41 -3.18 -27.72
N VAL A 51 -10.19 -2.10 -27.61
CA VAL A 51 -9.60 -0.79 -27.33
C VAL A 51 -8.93 -0.80 -25.96
N PHE A 52 -9.53 -1.50 -25.00
CA PHE A 52 -8.92 -1.59 -23.68
C PHE A 52 -7.60 -2.33 -23.71
N GLU A 53 -7.52 -3.41 -24.50
CA GLU A 53 -6.27 -4.14 -24.63
C GLU A 53 -5.21 -3.31 -25.34
N ALA A 54 -5.63 -2.50 -26.33
CA ALA A 54 -4.69 -1.60 -27.00
C ALA A 54 -4.15 -0.57 -26.00
N ALA A 55 -5.02 0.01 -25.18
CA ALA A 55 -4.57 0.96 -24.16
C ALA A 55 -3.63 0.29 -23.16
N LEU A 56 -3.93 -0.96 -22.79
CA LEU A 56 -3.07 -1.68 -21.86
C LEU A 56 -1.69 -1.93 -22.48
N ARG A 57 -1.65 -2.27 -23.76
CA ARG A 57 -0.36 -2.43 -24.45
C ARG A 57 0.42 -1.13 -24.45
N GLN A 58 -0.26 -0.02 -24.77
CA GLN A 58 0.40 1.28 -24.78
C GLN A 58 0.97 1.62 -23.41
N VAL A 59 0.19 1.38 -22.35
CA VAL A 59 0.66 1.73 -21.00
C VAL A 59 1.78 0.80 -20.55
N ILE A 60 1.73 -0.49 -20.95
CA ILE A 60 2.81 -1.41 -20.65
C ILE A 60 4.10 -0.95 -21.32
N ASP A 61 3.98 -0.40 -22.53
CA ASP A 61 5.14 0.20 -23.17
C ASP A 61 5.60 1.45 -22.43
N GLU A 62 4.65 2.23 -21.90
CA GLU A 62 4.99 3.50 -21.26
C GLU A 62 5.54 3.32 -19.85
N ALA A 63 5.06 2.31 -19.12
CA ALA A 63 5.53 2.03 -17.75
C ALA A 63 6.40 0.77 -17.82
N ASP A 64 7.71 0.97 -17.93
CA ASP A 64 8.62 -0.14 -18.15
C ASP A 64 8.73 -1.08 -16.96
N THR A 65 8.31 -0.62 -15.76
CA THR A 65 8.32 -1.51 -14.61
C THR A 65 7.38 -2.69 -14.79
N LEU A 66 6.38 -2.57 -15.66
CA LEU A 66 5.50 -3.69 -15.98
C LEU A 66 6.21 -4.77 -16.81
N ARG A 67 7.36 -4.46 -17.39
CA ARG A 67 8.11 -5.42 -18.20
C ARG A 67 9.35 -5.93 -17.49
N LEU A 68 9.49 -5.67 -16.19
CA LEU A 68 10.63 -6.16 -15.43
C LEU A 68 10.55 -7.68 -15.28
N GLN A 69 11.63 -8.36 -15.64
CA GLN A 69 11.77 -9.79 -15.40
C GLN A 69 12.96 -10.02 -14.46
N PHE A 70 12.78 -10.97 -13.55
CA PHE A 70 13.76 -11.24 -12.50
C PHE A 70 14.45 -12.57 -12.76
N ILE A 71 15.74 -12.63 -12.44
CA ILE A 71 16.59 -13.78 -12.71
C ILE A 71 17.43 -14.07 -11.48
N ASP A 72 17.52 -15.34 -11.10
CA ASP A 72 18.37 -15.74 -9.99
C ASP A 72 19.84 -15.67 -10.39
N SER A 73 20.70 -15.47 -9.40
CA SER A 73 22.13 -15.33 -9.64
C SER A 73 22.86 -15.50 -8.31
N ASP A 74 24.19 -15.65 -8.41
CA ASP A 74 25.02 -15.73 -7.22
C ASP A 74 24.78 -14.54 -6.30
N ASP A 75 24.50 -13.37 -6.87
CA ASP A 75 23.97 -12.24 -6.12
C ASP A 75 22.45 -12.37 -6.12
N GLY A 76 21.96 -13.31 -5.30
CA GLY A 76 20.55 -13.52 -5.05
C GLY A 76 19.63 -13.37 -6.24
N LEU A 77 19.02 -12.20 -6.38
CA LEU A 77 18.10 -11.91 -7.46
C LEU A 77 18.52 -10.63 -8.18
N ARG A 78 18.33 -10.60 -9.50
CA ARG A 78 18.59 -9.43 -10.31
C ARG A 78 17.41 -9.21 -11.24
N GLN A 79 17.38 -8.06 -11.90
CA GLN A 79 16.23 -7.70 -12.72
C GLN A 79 16.71 -7.04 -14.02
N ARG A 80 15.86 -7.13 -15.04
CA ARG A 80 16.10 -6.44 -16.30
C ARG A 80 14.76 -6.10 -16.92
N ILE A 81 14.79 -5.30 -17.99
CA ILE A 81 13.59 -4.97 -18.74
C ILE A 81 13.45 -6.03 -19.83
N GLY A 82 12.50 -6.95 -19.64
CA GLY A 82 12.36 -8.07 -20.54
C GLY A 82 11.10 -8.04 -21.38
N THR A 83 10.57 -9.22 -21.70
CA THR A 83 9.40 -9.36 -22.56
C THR A 83 8.41 -10.33 -21.91
N PRO A 84 7.62 -9.84 -20.96
CA PRO A 84 6.67 -10.73 -20.28
C PRO A 84 5.52 -11.14 -21.20
N ALA A 85 5.18 -12.42 -21.17
CA ALA A 85 4.04 -12.93 -21.91
C ALA A 85 2.78 -12.70 -21.09
N TRP A 86 1.88 -11.86 -21.60
CA TRP A 86 0.70 -11.47 -20.86
C TRP A 86 -0.52 -11.50 -21.77
N SER A 87 -1.69 -11.58 -21.15
CA SER A 87 -2.96 -11.58 -21.87
C SER A 87 -4.01 -10.93 -20.99
N MET A 88 -5.07 -10.43 -21.63
CA MET A 88 -6.16 -9.75 -20.93
C MET A 88 -7.43 -10.60 -21.00
N PRO A 89 -7.73 -11.40 -19.97
CA PRO A 89 -8.97 -12.18 -20.01
C PRO A 89 -10.20 -11.30 -19.97
N VAL A 90 -11.20 -11.67 -20.77
CA VAL A 90 -12.48 -10.96 -20.84
C VAL A 90 -13.55 -11.98 -20.48
N LEU A 91 -14.18 -11.80 -19.32
CA LEU A 91 -15.20 -12.73 -18.83
C LEU A 91 -16.52 -12.00 -18.69
N ASP A 92 -17.52 -12.46 -19.43
CA ASP A 92 -18.89 -11.95 -19.31
C ASP A 92 -19.63 -12.84 -18.30
N LEU A 93 -19.98 -12.27 -17.16
CA LEU A 93 -20.65 -13.01 -16.10
C LEU A 93 -22.09 -12.55 -15.89
N THR A 94 -22.65 -11.78 -16.83
CA THR A 94 -23.99 -11.25 -16.66
C THR A 94 -25.07 -12.32 -16.65
N ALA A 95 -24.78 -13.50 -17.19
CA ALA A 95 -25.75 -14.59 -17.19
C ALA A 95 -25.74 -15.40 -15.90
N GLN A 96 -24.73 -15.24 -15.05
CA GLN A 96 -24.67 -15.96 -13.80
C GLN A 96 -25.74 -15.46 -12.84
N ALA A 97 -26.12 -16.32 -11.89
CA ALA A 97 -27.13 -15.94 -10.91
C ALA A 97 -26.64 -14.82 -10.00
N ASP A 98 -25.34 -14.77 -9.72
CA ASP A 98 -24.72 -13.71 -8.93
C ASP A 98 -23.46 -13.27 -9.65
N PRO A 99 -23.62 -12.34 -10.61
CA PRO A 99 -22.50 -11.84 -11.39
C PRO A 99 -21.44 -11.12 -10.55
N GLN A 100 -21.84 -10.37 -9.54
CA GLN A 100 -20.85 -9.68 -8.68
C GLN A 100 -20.06 -10.71 -7.91
N ALA A 101 -20.73 -11.70 -7.34
CA ALA A 101 -20.03 -12.71 -6.54
C ALA A 101 -19.10 -13.53 -7.41
N ALA A 102 -19.50 -13.83 -8.64
CA ALA A 102 -18.66 -14.58 -9.57
C ALA A 102 -17.38 -13.81 -9.91
N ALA A 103 -17.51 -12.50 -10.16
CA ALA A 103 -16.32 -11.69 -10.43
C ALA A 103 -15.42 -11.61 -9.21
N GLN A 104 -16.00 -11.43 -8.02
CA GLN A 104 -15.21 -11.41 -6.81
C GLN A 104 -14.44 -12.72 -6.63
N ALA A 105 -15.10 -13.85 -6.90
CA ALA A 105 -14.45 -15.15 -6.76
C ALA A 105 -13.34 -15.32 -7.79
N TRP A 106 -13.57 -14.87 -9.03
CA TRP A 106 -12.53 -14.95 -10.05
C TRP A 106 -11.29 -14.17 -9.63
N MET A 107 -11.47 -12.91 -9.22
CA MET A 107 -10.31 -12.11 -8.85
C MET A 107 -9.66 -12.63 -7.57
N ARG A 108 -10.44 -13.20 -6.66
CA ARG A 108 -9.85 -13.79 -5.45
C ARG A 108 -9.01 -15.02 -5.79
N ALA A 109 -9.52 -15.88 -6.67
CA ALA A 109 -8.73 -17.01 -7.14
C ALA A 109 -7.47 -16.55 -7.84
N ASP A 110 -7.53 -15.41 -8.53
CA ASP A 110 -6.31 -14.87 -9.15
C ASP A 110 -5.31 -14.42 -8.10
N TYR A 111 -5.72 -13.49 -7.22
CA TYR A 111 -4.75 -12.93 -6.28
C TYR A 111 -4.39 -13.89 -5.16
N GLN A 112 -5.00 -15.07 -5.10
CA GLN A 112 -4.59 -16.10 -4.15
C GLN A 112 -3.52 -17.02 -4.72
N GLN A 113 -3.25 -16.94 -6.02
CA GLN A 113 -2.23 -17.80 -6.62
C GLN A 113 -0.84 -17.38 -6.14
N PRO A 114 0.07 -18.33 -5.95
CA PRO A 114 1.46 -17.96 -5.66
C PRO A 114 2.13 -17.39 -6.90
N VAL A 115 3.01 -16.41 -6.68
CA VAL A 115 3.70 -15.72 -7.75
C VAL A 115 5.19 -16.04 -7.63
N ASN A 116 5.69 -16.83 -8.59
CA ASN A 116 7.12 -17.09 -8.68
C ASN A 116 7.76 -15.97 -9.48
N LEU A 117 8.78 -15.33 -8.88
CA LEU A 117 9.30 -14.08 -9.42
C LEU A 117 10.12 -14.29 -10.69
N THR A 118 10.80 -15.43 -10.81
CA THR A 118 11.67 -15.67 -11.96
C THR A 118 10.92 -16.12 -13.20
N GLN A 119 9.60 -16.32 -13.11
CA GLN A 119 8.82 -16.79 -14.25
C GLN A 119 7.60 -15.94 -14.55
N GLY A 120 7.08 -15.18 -13.60
CA GLY A 120 5.88 -14.40 -13.81
C GLY A 120 4.65 -15.28 -13.95
N PRO A 121 3.51 -14.67 -14.34
CA PRO A 121 3.36 -13.23 -14.58
C PRO A 121 3.27 -12.43 -13.29
N LEU A 122 4.06 -11.36 -13.20
CA LEU A 122 4.05 -10.52 -12.01
C LEU A 122 2.85 -9.60 -11.92
N PHE A 123 2.10 -9.43 -13.01
CA PHE A 123 0.90 -8.62 -13.01
C PHE A 123 -0.21 -9.33 -13.77
N CYS A 124 -1.44 -8.87 -13.57
CA CYS A 124 -2.61 -9.48 -14.19
C CYS A 124 -3.65 -8.41 -14.44
N TYR A 125 -4.07 -8.26 -15.70
CA TYR A 125 -5.12 -7.35 -16.10
C TYR A 125 -6.24 -8.14 -16.75
N ALA A 126 -7.48 -7.93 -16.28
CA ALA A 126 -8.62 -8.66 -16.82
C ALA A 126 -9.85 -7.77 -16.77
N LEU A 127 -10.78 -8.03 -17.68
CA LEU A 127 -12.05 -7.32 -17.76
C LEU A 127 -13.18 -8.27 -17.42
N LEU A 128 -14.04 -7.85 -16.49
CA LEU A 128 -15.18 -8.63 -16.04
C LEU A 128 -16.45 -7.81 -16.23
N LYS A 129 -17.31 -8.24 -17.15
CA LYS A 129 -18.60 -7.60 -17.33
C LYS A 129 -19.57 -8.15 -16.29
N VAL A 130 -19.88 -7.33 -15.29
CA VAL A 130 -20.76 -7.78 -14.21
C VAL A 130 -22.21 -7.36 -14.42
N ALA A 131 -22.48 -6.37 -15.27
CA ALA A 131 -23.86 -5.97 -15.53
C ALA A 131 -23.89 -5.26 -16.88
N PRO A 132 -25.08 -5.15 -17.50
CA PRO A 132 -25.21 -4.30 -18.68
C PRO A 132 -24.73 -2.88 -18.40
N ALA A 133 -23.72 -2.44 -19.13
CA ALA A 133 -23.10 -1.13 -18.93
C ALA A 133 -22.49 -1.01 -17.54
N GLN A 134 -21.92 -2.11 -17.03
CA GLN A 134 -21.15 -2.09 -15.80
C GLN A 134 -20.07 -3.15 -15.87
N TRP A 135 -18.83 -2.69 -16.01
CA TRP A 135 -17.65 -3.54 -16.17
C TRP A 135 -16.73 -3.41 -14.97
N MET A 136 -15.77 -4.32 -14.88
CA MET A 136 -14.73 -4.30 -13.86
C MET A 136 -13.38 -4.50 -14.52
N TRP A 137 -12.44 -3.59 -14.23
CA TRP A 137 -11.05 -3.76 -14.65
C TRP A 137 -10.24 -4.17 -13.42
N TYR A 138 -9.75 -5.40 -13.43
CA TYR A 138 -9.03 -5.98 -12.30
C TYR A 138 -7.53 -5.83 -12.53
N GLN A 139 -6.82 -5.31 -11.52
CA GLN A 139 -5.37 -5.12 -11.58
C GLN A 139 -4.74 -5.82 -10.39
N ARG A 140 -3.66 -6.56 -10.65
CA ARG A 140 -2.90 -7.23 -9.61
C ARG A 140 -1.42 -7.05 -9.90
N TYR A 141 -0.63 -6.86 -8.85
CA TYR A 141 0.81 -6.70 -8.96
C TYR A 141 1.50 -7.38 -7.79
N HIS A 142 2.78 -7.66 -7.97
CA HIS A 142 3.65 -8.03 -6.87
C HIS A 142 4.38 -6.78 -6.38
N VAL A 143 4.50 -6.65 -5.05
CA VAL A 143 5.05 -5.43 -4.48
C VAL A 143 6.50 -5.21 -4.89
N ILE A 144 7.17 -6.23 -5.41
CA ILE A 144 8.55 -6.07 -5.85
C ILE A 144 8.66 -5.16 -7.07
N MET A 145 7.55 -4.90 -7.77
CA MET A 145 7.57 -4.07 -8.96
C MET A 145 6.46 -3.03 -8.99
N MET A 146 5.74 -2.82 -7.89
CA MET A 146 4.61 -1.90 -7.87
C MET A 146 4.21 -1.60 -6.44
N ASP A 147 3.82 -0.36 -6.18
CA ASP A 147 3.23 0.02 -4.90
C ASP A 147 1.92 0.74 -5.17
N GLY A 148 1.41 1.44 -4.15
CA GLY A 148 0.10 2.05 -4.28
C GLY A 148 0.09 3.22 -5.26
N TYR A 149 1.03 4.17 -5.07
CA TYR A 149 1.07 5.33 -5.96
C TYR A 149 1.36 4.92 -7.40
N GLY A 150 2.18 3.90 -7.60
CA GLY A 150 2.44 3.43 -8.95
C GLY A 150 1.19 2.85 -9.61
N ALA A 151 0.44 2.04 -8.86
CA ALA A 151 -0.81 1.50 -9.40
C ALA A 151 -1.81 2.61 -9.68
N TYR A 152 -1.82 3.65 -8.84
CA TYR A 152 -2.71 4.79 -9.07
C TYR A 152 -2.33 5.51 -10.36
N LEU A 153 -1.03 5.76 -10.55
CA LEU A 153 -0.56 6.40 -11.78
C LEU A 153 -0.93 5.55 -13.00
N ILE A 154 -0.79 4.23 -12.88
CA ILE A 154 -1.08 3.35 -14.03
C ILE A 154 -2.57 3.35 -14.34
N ALA A 155 -3.41 3.32 -13.31
CA ALA A 155 -4.85 3.39 -13.56
C ALA A 155 -5.23 4.71 -14.23
N GLN A 156 -4.65 5.82 -13.77
CA GLN A 156 -4.93 7.11 -14.40
C GLN A 156 -4.48 7.13 -15.86
N ARG A 157 -3.28 6.61 -16.12
CA ARG A 157 -2.78 6.61 -17.49
C ARG A 157 -3.60 5.70 -18.40
N VAL A 158 -4.02 4.54 -17.88
CA VAL A 158 -4.85 3.63 -18.68
C VAL A 158 -6.19 4.28 -18.99
N ALA A 159 -6.80 4.95 -18.00
CA ALA A 159 -8.05 5.64 -18.23
C ALA A 159 -7.89 6.71 -19.30
N TYR A 160 -6.83 7.51 -19.20
CA TYR A 160 -6.62 8.58 -20.19
C TYR A 160 -6.39 8.02 -21.58
N VAL A 161 -5.56 6.97 -21.70
CA VAL A 161 -5.25 6.41 -23.01
C VAL A 161 -6.50 5.77 -23.62
N TYR A 162 -7.30 5.08 -22.81
CA TYR A 162 -8.54 4.49 -23.32
C TYR A 162 -9.50 5.56 -23.79
N SER A 163 -9.67 6.63 -22.99
CA SER A 163 -10.56 7.72 -23.40
C SER A 163 -10.07 8.36 -24.69
N ALA A 164 -8.75 8.49 -24.87
CA ALA A 164 -8.23 9.10 -26.08
C ALA A 164 -8.42 8.17 -27.28
N LEU A 165 -8.22 6.87 -27.11
CA LEU A 165 -8.38 5.93 -28.21
C LEU A 165 -9.83 5.78 -28.63
N CYS A 166 -10.77 5.91 -27.67
CA CYS A 166 -12.17 5.71 -28.00
C CYS A 166 -12.69 6.81 -28.92
N GLU A 167 -12.28 8.06 -28.69
CA GLU A 167 -12.66 9.16 -29.56
C GLU A 167 -11.73 9.32 -30.76
N GLY A 168 -10.90 8.33 -31.04
CA GLY A 168 -10.02 8.38 -32.20
C GLY A 168 -8.96 9.45 -32.14
N THR A 169 -8.55 9.84 -30.94
CA THR A 169 -7.55 10.89 -30.77
C THR A 169 -6.22 10.29 -30.36
N THR A 170 -5.14 10.92 -30.83
CA THR A 170 -3.80 10.55 -30.40
C THR A 170 -3.62 10.88 -28.93
N PRO A 171 -3.34 9.91 -28.07
CA PRO A 171 -3.08 10.24 -26.66
C PRO A 171 -1.84 11.09 -26.52
N ALA A 172 -1.88 12.05 -25.60
CA ALA A 172 -0.74 12.93 -25.38
C ALA A 172 0.47 12.14 -24.91
N GLU A 173 1.64 12.73 -25.05
CA GLU A 173 2.87 12.08 -24.65
C GLU A 173 2.84 11.78 -23.15
N CYS A 174 3.20 10.55 -22.80
CA CYS A 174 3.11 10.11 -21.41
C CYS A 174 4.13 10.85 -20.55
N ASP A 175 3.78 11.01 -19.28
CA ASP A 175 4.59 11.75 -18.31
C ASP A 175 5.59 10.88 -17.57
N PHE A 176 5.60 9.58 -17.82
CA PHE A 176 6.36 8.65 -17.00
C PHE A 176 7.85 8.71 -17.31
N GLY A 177 8.66 8.51 -16.27
CA GLY A 177 10.06 8.20 -16.45
C GLY A 177 10.31 6.71 -16.47
N SER A 178 11.58 6.35 -16.59
CA SER A 178 11.96 4.95 -16.66
C SER A 178 12.31 4.41 -15.27
N ILE A 179 12.01 3.13 -15.05
CA ILE A 179 12.32 2.48 -13.79
C ILE A 179 13.83 2.38 -13.57
N LEU A 180 14.61 2.42 -14.65
CA LEU A 180 16.06 2.34 -14.50
C LEU A 180 16.63 3.59 -13.85
N GLN A 181 16.07 4.76 -14.15
CA GLN A 181 16.48 5.98 -13.45
C GLN A 181 16.16 5.89 -11.97
N LEU A 182 15.02 5.30 -11.63
CA LEU A 182 14.66 5.10 -10.23
C LEU A 182 15.65 4.16 -9.55
N LEU A 183 16.01 3.06 -10.22
CA LEU A 183 16.98 2.13 -9.66
C LEU A 183 18.34 2.78 -9.48
N GLU A 184 18.76 3.60 -10.45
CA GLU A 184 20.04 4.29 -10.33
C GLU A 184 20.03 5.31 -9.20
N SER A 185 18.91 6.02 -9.02
CA SER A 185 18.81 6.97 -7.92
C SER A 185 18.83 6.25 -6.58
N ASP A 186 18.18 5.08 -6.49
CA ASP A 186 18.23 4.31 -5.25
C ASP A 186 19.65 3.81 -4.98
N ALA A 187 20.35 3.36 -6.03
CA ALA A 187 21.72 2.91 -5.85
C ALA A 187 22.63 4.04 -5.41
N GLN A 188 22.41 5.24 -5.95
CA GLN A 188 23.19 6.40 -5.54
C GLN A 188 22.89 6.79 -4.10
N TYR A 189 21.61 6.74 -3.71
CA TYR A 189 21.25 7.03 -2.33
C TYR A 189 21.85 6.02 -1.37
N GLN A 190 21.98 4.76 -1.79
CA GLN A 190 22.53 3.73 -0.91
C GLN A 190 23.96 4.01 -0.50
N ILE A 191 24.68 4.84 -1.26
CA ILE A 191 26.07 5.18 -0.94
C ILE A 191 26.18 6.69 -0.77
N SER A 192 25.11 7.33 -0.33
CA SER A 192 25.05 8.78 -0.22
C SER A 192 25.27 9.23 1.22
N ALA A 193 25.59 10.52 1.37
CA ALA A 193 25.67 11.13 2.68
C ALA A 193 24.28 11.46 3.23
N GLN A 194 23.32 11.73 2.34
CA GLN A 194 21.93 11.86 2.76
C GLN A 194 21.47 10.60 3.48
N ARG A 195 21.90 9.43 3.01
CA ARG A 195 21.55 8.18 3.70
C ARG A 195 22.17 8.13 5.09
N ALA A 196 23.40 8.59 5.23
CA ALA A 196 24.03 8.62 6.55
C ALA A 196 23.28 9.55 7.49
N GLN A 197 22.85 10.71 6.99
CA GLN A 197 22.06 11.63 7.81
C GLN A 197 20.75 10.99 8.24
N ASP A 198 20.05 10.34 7.30
CA ASP A 198 18.79 9.69 7.65
C ASP A 198 18.98 8.57 8.65
N GLU A 199 20.06 7.79 8.48
CA GLU A 199 20.34 6.71 9.43
C GLU A 199 20.63 7.25 10.80
N ALA A 200 21.42 8.33 10.90
CA ALA A 200 21.70 8.93 12.20
C ALA A 200 20.43 9.45 12.85
N TYR A 201 19.57 10.13 12.07
CA TYR A 201 18.33 10.65 12.61
C TYR A 201 17.44 9.54 13.14
N TRP A 202 17.31 8.45 12.38
CA TRP A 202 16.41 7.37 12.80
C TRP A 202 17.01 6.55 13.93
N LEU A 203 18.34 6.48 14.03
CA LEU A 203 18.95 5.81 15.17
C LEU A 203 18.78 6.62 16.44
N LYS A 204 18.85 7.95 16.34
CA LYS A 204 18.61 8.78 17.51
C LYS A 204 17.14 8.81 17.88
N HIS A 205 16.25 8.70 16.89
CA HIS A 205 14.82 8.85 17.15
C HIS A 205 14.27 7.70 17.98
N CYS A 206 14.58 6.46 17.58
CA CYS A 206 14.15 5.27 18.29
C CYS A 206 15.32 4.59 19.00
N ALA A 207 16.16 5.39 19.66
CA ALA A 207 17.35 4.86 20.31
C ALA A 207 16.99 3.81 21.35
N ASN A 208 16.26 4.21 22.38
CA ASN A 208 15.75 3.28 23.40
C ASN A 208 14.28 3.02 23.08
N TRP A 209 14.03 2.00 22.29
CA TRP A 209 12.70 1.66 21.82
C TRP A 209 11.98 0.77 22.83
N SER A 210 10.72 0.48 22.53
CA SER A 210 9.91 -0.43 23.32
C SER A 210 9.18 -1.38 22.38
N GLU A 211 8.93 -2.60 22.87
CA GLU A 211 8.22 -3.58 22.08
C GLU A 211 6.81 -3.07 21.77
N PRO A 212 6.32 -3.27 20.54
CA PRO A 212 5.13 -2.54 20.09
C PRO A 212 3.88 -2.92 20.86
N ALA A 213 3.05 -1.91 21.14
CA ALA A 213 1.72 -2.18 21.69
C ALA A 213 0.81 -2.69 20.59
N THR A 214 -0.07 -3.63 20.95
CA THR A 214 -0.91 -4.29 19.96
C THR A 214 -2.21 -4.72 20.61
N LEU A 215 -3.25 -4.82 19.78
CA LEU A 215 -4.54 -5.31 20.22
C LEU A 215 -4.62 -6.84 20.22
N ALA A 216 -3.64 -7.51 19.63
CA ALA A 216 -3.62 -8.96 19.58
C ALA A 216 -2.93 -9.53 20.80
N SER A 217 -3.25 -10.78 21.11
CA SER A 217 -2.67 -11.49 22.25
C SER A 217 -1.46 -12.33 21.86
N ARG A 218 -1.03 -12.26 20.60
CA ARG A 218 0.09 -13.06 20.13
C ARG A 218 0.78 -12.35 18.98
N SER A 219 2.06 -12.65 18.81
CA SER A 219 2.86 -12.18 17.70
C SER A 219 3.17 -13.36 16.78
N ALA A 220 2.89 -13.19 15.49
CA ALA A 220 3.06 -14.28 14.53
C ALA A 220 3.43 -13.70 13.18
N PRO A 221 4.23 -14.42 12.39
CA PRO A 221 4.56 -13.94 11.05
C PRO A 221 3.36 -14.00 10.12
N VAL A 222 3.41 -13.17 9.08
CA VAL A 222 2.32 -13.11 8.12
C VAL A 222 2.45 -14.27 7.14
N LEU A 223 1.42 -15.11 7.08
CA LEU A 223 1.40 -16.28 6.20
C LEU A 223 0.19 -16.28 5.28
N GLN A 224 -0.99 -16.03 5.81
CA GLN A 224 -2.22 -15.97 5.01
C GLN A 224 -2.53 -14.53 4.64
N GLN A 225 -3.42 -14.38 3.66
CA GLN A 225 -3.87 -13.05 3.28
C GLN A 225 -4.73 -12.45 4.40
N ARG A 226 -4.83 -11.12 4.38
CA ARG A 226 -5.39 -10.38 5.51
C ARG A 226 -6.86 -10.71 5.71
N LEU A 227 -7.29 -10.66 6.97
CA LEU A 227 -8.71 -10.53 7.28
C LEU A 227 -9.09 -9.06 7.21
N ARG A 228 -10.10 -8.74 6.43
CA ARG A 228 -10.47 -7.36 6.16
C ARG A 228 -11.82 -7.04 6.76
N GLN A 229 -11.88 -5.98 7.55
CA GLN A 229 -13.13 -5.39 8.04
C GLN A 229 -13.24 -3.99 7.46
N THR A 230 -14.16 -3.79 6.53
CA THR A 230 -14.31 -2.53 5.82
C THR A 230 -15.53 -1.79 6.33
N THR A 231 -15.37 -0.50 6.60
CA THR A 231 -16.48 0.36 6.97
C THR A 231 -16.33 1.71 6.28
N TYR A 232 -17.45 2.27 5.84
CA TYR A 232 -17.44 3.59 5.22
C TYR A 232 -17.96 4.63 6.21
N LEU A 233 -17.42 5.84 6.13
CA LEU A 233 -17.75 6.87 7.09
C LEU A 233 -17.82 8.22 6.41
N ALA A 234 -18.57 9.13 7.02
CA ALA A 234 -18.68 10.50 6.55
C ALA A 234 -17.59 11.36 7.17
N ILE A 235 -17.17 12.39 6.44
CA ILE A 235 -16.05 13.21 6.88
C ILE A 235 -16.41 14.10 8.06
N GLN A 236 -17.71 14.38 8.26
CA GLN A 236 -18.12 15.22 9.38
C GLN A 236 -17.91 14.54 10.73
N ALA A 237 -17.88 13.20 10.76
CA ALA A 237 -17.46 12.50 11.97
C ALA A 237 -16.08 12.95 12.39
N LEU A 238 -15.20 13.22 11.43
CA LEU A 238 -13.94 13.88 11.70
C LEU A 238 -14.19 15.35 11.95
N GLY A 239 -14.62 16.08 10.91
CA GLY A 239 -14.89 17.49 11.02
C GLY A 239 -13.68 18.38 11.16
N ASP A 240 -12.50 17.82 11.41
CA ASP A 240 -11.29 18.60 11.62
C ASP A 240 -10.97 19.48 10.42
N ALA A 242 -11.86 21.18 7.95
CA ALA A 242 -11.47 20.62 6.67
C ALA A 242 -10.03 20.12 6.70
N PRO A 243 -9.87 18.80 6.76
CA PRO A 243 -8.53 18.21 6.81
C PRO A 243 -7.95 17.99 5.41
N ASP A 244 -6.62 17.98 5.37
CA ASP A 244 -5.87 17.56 4.19
C ASP A 244 -5.30 16.17 4.46
N ALA A 245 -4.45 15.70 3.54
CA ALA A 245 -3.84 14.39 3.72
C ALA A 245 -2.99 14.34 4.98
N ARG A 246 -2.19 15.38 5.20
CA ARG A 246 -1.29 15.40 6.36
C ARG A 246 -2.07 15.35 7.67
N ARG A 247 -3.06 16.24 7.82
CA ARG A 247 -3.81 16.28 9.08
C ARG A 247 -4.75 15.09 9.21
N LEU A 248 -5.23 14.55 8.10
CA LEU A 248 -6.01 13.31 8.17
C LEU A 248 -5.15 12.17 8.72
N ALA A 249 -3.92 12.05 8.23
CA ALA A 249 -3.02 11.02 8.75
C ALA A 249 -2.68 11.29 10.22
N GLN A 250 -2.46 12.56 10.57
CA GLN A 250 -2.21 12.92 11.97
C GLN A 250 -3.36 12.47 12.86
N PHE A 251 -4.59 12.76 12.44
CA PHE A 251 -5.76 12.39 13.23
C PHE A 251 -5.92 10.89 13.33
N MET A 252 -5.71 10.16 12.23
CA MET A 252 -5.83 8.71 12.27
C MET A 252 -4.79 8.10 13.19
N THR A 253 -3.54 8.58 13.12
CA THR A 253 -2.49 8.05 13.99
C THR A 253 -2.77 8.38 15.45
N ALA A 254 -3.24 9.61 15.73
CA ALA A 254 -3.56 9.97 17.10
C ALA A 254 -4.69 9.12 17.66
N ALA A 255 -5.74 8.89 16.85
CA ALA A 255 -6.84 8.05 17.31
C ALA A 255 -6.39 6.62 17.55
N MET A 256 -5.58 6.07 16.64
CA MET A 256 -5.12 4.69 16.82
C MET A 256 -4.23 4.57 18.05
N ALA A 257 -3.37 5.55 18.29
CA ALA A 257 -2.51 5.51 19.46
C ALA A 257 -3.31 5.64 20.74
N ALA A 258 -4.32 6.51 20.74
CA ALA A 258 -5.18 6.64 21.93
C ALA A 258 -5.94 5.35 22.19
N TYR A 259 -6.44 4.71 21.13
CA TYR A 259 -7.13 3.44 21.29
C TYR A 259 -6.20 2.36 21.85
N LEU A 260 -4.97 2.30 21.31
CA LEU A 260 -4.00 1.31 21.80
C LEU A 260 -3.63 1.56 23.25
N TYR A 261 -3.54 2.84 23.65
CA TYR A 261 -3.24 3.14 25.04
C TYR A 261 -4.41 2.78 25.95
N ARG A 262 -5.64 3.06 25.51
CA ARG A 262 -6.81 2.72 26.30
C ARG A 262 -6.99 1.22 26.43
N PHE A 263 -6.50 0.45 25.44
CA PHE A 263 -6.68 -0.99 25.48
C PHE A 263 -5.49 -1.73 26.10
N THR A 264 -4.31 -1.13 26.15
CA THR A 264 -3.11 -1.80 26.63
C THR A 264 -2.45 -1.12 27.82
N GLY A 265 -2.65 0.18 28.00
CA GLY A 265 -1.95 0.92 29.04
C GLY A 265 -0.57 1.37 28.67
N GLU A 266 -0.06 0.99 27.49
CA GLU A 266 1.25 1.46 27.05
C GLU A 266 1.18 2.93 26.67
N GLN A 267 2.21 3.69 27.07
CA GLN A 267 2.21 5.13 26.88
C GLN A 267 3.21 5.63 25.86
N ASP A 268 4.09 4.76 25.34
CA ASP A 268 5.02 5.10 24.28
C ASP A 268 4.64 4.27 23.06
N VAL A 269 3.57 4.67 22.38
CA VAL A 269 3.00 3.85 21.32
C VAL A 269 3.77 4.09 20.03
N VAL A 270 4.28 3.02 19.44
CA VAL A 270 5.01 3.08 18.17
C VAL A 270 4.10 2.55 17.07
N LEU A 271 3.82 3.39 16.09
CA LEU A 271 2.99 3.03 14.95
C LEU A 271 3.84 3.03 13.67
N GLY A 272 3.24 2.50 12.61
CA GLY A 272 3.86 2.49 11.30
C GLY A 272 3.10 3.41 10.35
N LEU A 273 3.84 4.29 9.68
CA LEU A 273 3.25 5.25 8.75
C LEU A 273 3.82 5.01 7.35
N PRO A 274 3.07 4.38 6.45
CA PRO A 274 3.53 4.24 5.07
C PRO A 274 3.62 5.59 4.37
N VAL A 275 4.66 5.74 3.53
CA VAL A 275 4.92 6.95 2.79
C VAL A 275 5.43 6.58 1.39
N LYS A 276 5.27 7.53 0.46
CA LYS A 276 5.58 7.26 -0.94
C LYS A 276 7.08 7.20 -1.19
N VAL A 277 7.85 8.07 -0.52
CA VAL A 277 9.28 8.25 -0.78
C VAL A 277 9.46 8.56 -2.26
N ARG A 278 8.73 9.56 -2.75
CA ARG A 278 8.80 9.99 -4.14
C ARG A 278 9.03 11.50 -4.16
N PHE A 279 10.22 11.91 -4.61
CA PHE A 279 10.57 13.32 -4.71
C PHE A 279 11.13 13.60 -6.10
N GLY A 280 10.60 14.63 -6.74
CA GLY A 280 11.09 15.00 -8.05
C GLY A 280 10.69 13.97 -9.10
N ALA A 281 11.69 13.49 -9.84
CA ALA A 281 11.44 12.57 -10.95
C ALA A 281 10.75 11.30 -10.47
N ASP A 282 11.08 10.84 -9.26
CA ASP A 282 10.47 9.64 -8.72
C ASP A 282 8.95 9.75 -8.63
N ARG A 283 8.41 10.98 -8.60
CA ARG A 283 6.97 11.15 -8.55
C ARG A 283 6.27 10.73 -9.82
N HIS A 284 7.00 10.47 -10.91
CA HIS A 284 6.41 10.11 -12.18
C HIS A 284 6.94 8.78 -12.71
N ILE A 285 7.37 7.89 -11.80
CA ILE A 285 7.91 6.60 -12.20
C ILE A 285 7.15 5.49 -11.47
N PRO A 286 6.30 4.73 -12.16
CA PRO A 286 5.64 3.59 -11.51
C PRO A 286 6.66 2.55 -11.07
N GLY A 287 6.36 1.88 -9.97
CA GLY A 287 7.24 0.89 -9.40
C GLY A 287 7.08 0.87 -7.89
N MET A 288 8.07 0.28 -7.22
CA MET A 288 8.10 0.16 -5.77
C MET A 288 9.11 1.14 -5.20
N LYS A 289 8.66 1.97 -4.24
CA LYS A 289 9.50 2.99 -3.65
C LYS A 289 9.06 3.30 -2.22
N SER A 290 7.89 2.80 -1.84
CA SER A 290 7.27 3.21 -0.59
C SER A 290 8.01 2.62 0.62
N ASN A 291 7.84 3.27 1.76
CA ASN A 291 8.50 2.88 3.00
C ASN A 291 7.51 3.03 4.15
N THR A 292 7.86 2.51 5.32
CA THR A 292 7.05 2.68 6.52
C THR A 292 7.92 3.30 7.61
N LEU A 293 7.55 4.50 8.04
CA LEU A 293 8.26 5.21 9.09
C LEU A 293 7.77 4.76 10.47
N PRO A 294 8.67 4.65 11.44
CA PRO A 294 8.24 4.42 12.83
C PRO A 294 7.88 5.73 13.50
N LEU A 295 6.60 5.90 13.83
CA LEU A 295 6.07 7.12 14.42
C LEU A 295 5.80 6.87 15.89
N ARG A 296 6.55 7.54 16.76
CA ARG A 296 6.38 7.40 18.20
C ARG A 296 5.45 8.47 18.72
N LEU A 297 4.46 8.06 19.52
CA LEU A 297 3.56 8.98 20.19
C LEU A 297 3.62 8.68 21.68
N THR A 298 4.08 9.67 22.46
CA THR A 298 4.18 9.53 23.90
C THR A 298 2.84 9.91 24.54
N MET A 299 2.35 9.04 25.42
CA MET A 299 1.07 9.25 26.07
C MET A 299 1.28 9.69 27.51
N ARG A 300 0.53 10.71 27.92
CA ARG A 300 0.48 11.16 29.29
C ARG A 300 -0.96 11.09 29.76
N PRO A 301 -1.23 10.54 30.94
CA PRO A 301 -2.62 10.42 31.40
C PRO A 301 -3.30 11.78 31.49
N GLY A 302 -4.55 11.83 31.06
CA GLY A 302 -5.30 13.07 31.02
C GLY A 302 -5.10 13.91 29.77
N MET A 303 -4.33 13.41 28.80
CA MET A 303 -4.07 14.17 27.59
C MET A 303 -5.24 14.04 26.62
N ASN A 304 -5.49 15.13 25.89
CA ASN A 304 -6.61 15.21 24.97
C ASN A 304 -6.17 14.81 23.56
N LEU A 305 -7.05 15.01 22.58
CA LEU A 305 -6.74 14.65 21.21
C LEU A 305 -5.88 15.70 20.52
N SER A 306 -6.06 16.98 20.85
CA SER A 306 -5.30 18.03 20.18
C SER A 306 -3.81 17.92 20.49
N SER A 307 -3.47 17.57 21.73
CA SER A 307 -2.06 17.39 22.08
C SER A 307 -1.46 16.20 21.32
N LEU A 308 -2.22 15.11 21.20
CA LEU A 308 -1.74 13.96 20.44
C LEU A 308 -1.56 14.30 18.97
N MET A 309 -2.47 15.11 18.42
CA MET A 309 -2.37 15.50 17.01
C MET A 309 -1.19 16.44 16.79
N GLN A 310 -0.93 17.33 17.75
CA GLN A 310 0.28 18.15 17.67
C GLN A 310 1.54 17.30 17.75
N GLN A 311 1.53 16.28 18.62
CA GLN A 311 2.65 15.35 18.68
C GLN A 311 2.87 14.66 17.33
N ALA A 312 1.78 14.19 16.72
CA ALA A 312 1.89 13.50 15.43
C ALA A 312 2.36 14.44 14.33
N ALA A 313 1.84 15.67 14.31
CA ALA A 313 2.30 16.65 13.34
C ALA A 313 3.78 16.95 13.51
N GLN A 314 4.24 17.05 14.76
CA GLN A 314 5.66 17.30 15.02
C GLN A 314 6.52 16.13 14.54
N GLU A 315 6.12 14.91 14.91
CA GLU A 315 6.87 13.73 14.48
C GLU A 315 6.95 13.64 12.96
N MET A 316 5.83 13.89 12.28
CA MET A 316 5.85 13.84 10.82
C MET A 316 6.71 14.96 10.24
N GLN A 317 6.56 16.18 10.75
CA GLN A 317 7.32 17.31 10.24
C GLN A 317 8.81 17.11 10.40
N SER A 318 9.23 16.39 11.44
CA SER A 318 10.66 16.15 11.62
C SER A 318 11.15 14.85 10.99
N GLY A 319 10.26 13.91 10.67
CA GLY A 319 10.69 12.64 10.16
C GLY A 319 10.54 12.45 8.65
N LEU A 320 9.60 13.17 8.03
CA LEU A 320 9.36 13.00 6.61
C LEU A 320 10.55 13.42 5.76
N ARG A 321 11.45 14.25 6.30
CA ARG A 321 12.66 14.60 5.58
C ARG A 321 13.58 13.41 5.39
N HIS A 322 13.52 12.43 6.29
CA HIS A 322 14.39 11.27 6.26
C HIS A 322 13.62 9.98 5.93
N GLN A 323 12.56 10.09 5.13
CA GLN A 323 11.71 8.95 4.84
C GLN A 323 12.33 7.99 3.82
N ARG A 324 13.54 8.27 3.32
CA ARG A 324 14.20 7.39 2.39
C ARG A 324 14.93 6.24 3.06
N TYR A 325 15.13 6.30 4.38
CA TYR A 325 15.84 5.25 5.09
C TYR A 325 14.89 4.09 5.35
N PRO A 326 15.22 2.87 4.92
CA PRO A 326 14.29 1.74 5.13
C PRO A 326 14.16 1.40 6.60
N SER A 327 12.93 1.01 6.99
CA SER A 327 12.68 0.64 8.37
C SER A 327 13.36 -0.67 8.74
N GLU A 328 13.55 -1.56 7.77
CA GLU A 328 14.24 -2.81 8.04
C GLU A 328 15.72 -2.58 8.31
N ALA A 329 16.34 -1.67 7.55
CA ALA A 329 17.73 -1.32 7.82
C ALA A 329 17.87 -0.67 9.19
N LEU A 330 16.88 0.12 9.60
CA LEU A 330 16.90 0.71 10.93
C LEU A 330 16.74 -0.35 12.00
N ARG A 331 15.87 -1.34 11.77
CA ARG A 331 15.70 -2.43 12.72
C ARG A 331 16.99 -3.22 12.87
N ARG A 332 17.68 -3.49 11.76
CA ARG A 332 18.94 -4.22 11.83
C ARG A 332 20.04 -3.37 12.49
N GLN A 333 20.03 -2.07 12.24
CA GLN A 333 21.07 -1.20 12.78
C GLN A 333 20.88 -0.91 14.26
N LEU A 334 19.64 -0.94 14.76
CA LEU A 334 19.39 -0.72 16.17
C LEU A 334 19.83 -1.90 17.04
N GLY A 335 20.20 -3.02 16.43
CA GLY A 335 20.59 -4.19 17.19
C GLY A 335 19.43 -5.02 17.71
N MET A 336 18.24 -4.84 17.16
CA MET A 336 17.08 -5.60 17.61
C MET A 336 17.15 -7.04 17.07
N PRO A 337 16.80 -8.02 17.89
CA PRO A 337 16.72 -9.40 17.39
C PRO A 337 15.57 -9.55 16.42
N SER A 338 15.84 -10.19 15.27
CA SER A 338 14.81 -10.32 14.25
C SER A 338 13.63 -11.14 14.78
N GLY A 339 12.44 -10.78 14.33
CA GLY A 339 11.20 -11.16 14.95
C GLY A 339 10.65 -10.08 15.87
N GLN A 340 11.53 -9.27 16.45
CA GLN A 340 11.14 -8.08 17.18
C GLN A 340 11.00 -6.93 16.19
N ARG A 341 9.79 -6.39 16.08
CA ARG A 341 9.51 -5.29 15.17
C ARG A 341 9.49 -3.96 15.91
N LEU A 342 9.72 -2.88 15.17
CA LEU A 342 9.65 -1.56 15.78
C LEU A 342 8.21 -1.14 16.04
N PHE A 343 7.28 -1.58 15.19
CA PHE A 343 5.87 -1.24 15.34
C PHE A 343 5.03 -2.45 14.96
N GLY A 344 3.81 -2.49 15.50
CA GLY A 344 2.88 -3.55 15.17
C GLY A 344 1.71 -3.06 14.36
N THR A 345 1.09 -1.96 14.80
CA THR A 345 -0.07 -1.39 14.12
C THR A 345 0.40 -0.29 13.17
N THR A 346 0.10 -0.46 11.89
CA THR A 346 0.42 0.54 10.88
C THR A 346 -0.83 1.34 10.51
N VAL A 347 -0.62 2.61 10.17
CA VAL A 347 -1.70 3.50 9.76
C VAL A 347 -1.38 3.97 8.35
N ASN A 348 -1.98 3.32 7.36
CA ASN A 348 -1.69 3.59 5.95
C ASN A 348 -2.81 4.47 5.39
N VAL A 349 -2.54 5.76 5.26
CA VAL A 349 -3.48 6.71 4.68
C VAL A 349 -3.10 6.95 3.23
N MET A 350 -4.00 6.58 2.31
CA MET A 350 -3.75 6.71 0.88
C MET A 350 -4.69 7.77 0.31
N PRO A 351 -4.26 9.04 0.24
CA PRO A 351 -5.11 10.12 -0.30
C PRO A 351 -5.07 10.21 -1.83
N PHE A 352 -5.24 9.07 -2.48
CA PHE A 352 -5.22 9.01 -3.94
C PHE A 352 -6.63 9.13 -4.48
N ASP A 353 -6.77 9.82 -5.62
CA ASP A 353 -8.06 9.99 -6.25
C ASP A 353 -8.61 8.64 -6.67
N LEU A 354 -9.82 8.32 -6.18
CA LEU A 354 -10.46 7.05 -6.50
C LEU A 354 -11.36 7.12 -7.72
N ASP A 355 -11.51 8.29 -8.32
CA ASP A 355 -12.41 8.48 -9.46
C ASP A 355 -11.63 8.50 -10.76
N LEU A 356 -12.24 7.94 -11.81
CA LEU A 356 -11.63 7.91 -13.13
C LEU A 356 -12.74 8.02 -14.17
N SER A 357 -12.34 8.28 -15.41
CA SER A 357 -13.29 8.43 -16.51
C SER A 357 -12.78 7.66 -17.72
N PHE A 358 -13.49 6.60 -18.09
CA PHE A 358 -13.14 5.74 -19.22
C PHE A 358 -14.14 6.01 -20.34
N GLY A 359 -13.66 6.62 -21.41
CA GLY A 359 -14.51 6.87 -22.58
C GLY A 359 -15.77 7.64 -22.28
N GLY A 360 -15.73 8.55 -21.31
CA GLY A 360 -16.90 9.31 -20.92
C GLY A 360 -17.74 8.70 -19.84
N TYR A 361 -17.38 7.51 -19.36
CA TYR A 361 -18.13 6.83 -18.31
C TYR A 361 -17.36 6.92 -16.98
N SER A 362 -18.08 7.23 -15.92
CA SER A 362 -17.46 7.35 -14.61
C SER A 362 -17.04 5.98 -14.08
N ALA A 363 -16.01 5.97 -13.24
CA ALA A 363 -15.47 4.73 -12.71
C ALA A 363 -14.84 5.00 -11.35
N THR A 364 -14.84 3.97 -10.50
CA THR A 364 -14.31 4.10 -9.15
C THR A 364 -13.38 2.95 -8.82
N ASN A 365 -12.31 3.24 -8.07
CA ASN A 365 -11.32 2.25 -7.68
C ASN A 365 -11.67 1.65 -6.33
N HIS A 366 -11.37 0.35 -6.17
CA HIS A 366 -11.65 -0.35 -4.92
C HIS A 366 -10.57 -1.39 -4.68
N ASN A 367 -9.98 -1.36 -3.49
CA ASN A 367 -8.85 -2.22 -3.16
C ASN A 367 -9.32 -3.60 -2.73
N LEU A 368 -8.53 -4.62 -3.08
CA LEU A 368 -8.73 -5.99 -2.62
C LEU A 368 -7.60 -6.46 -1.73
N LEU A 369 -6.35 -6.20 -2.12
CA LEU A 369 -5.18 -6.52 -1.32
C LEU A 369 -4.31 -5.28 -1.19
N ASN A 370 -3.68 -5.13 -0.03
CA ASN A 370 -2.83 -3.98 0.26
C ASN A 370 -1.54 -4.41 0.93
N GLY A 371 -0.96 -5.51 0.45
CA GLY A 371 0.27 -6.01 0.99
C GLY A 371 0.05 -6.92 2.18
N PRO A 372 1.13 -7.41 2.78
CA PRO A 372 0.98 -8.29 3.94
C PRO A 372 0.56 -7.53 5.19
N ALA A 373 -0.23 -8.21 6.02
CA ALA A 373 -0.70 -7.67 7.29
C ALA A 373 -0.02 -8.45 8.42
N GLU A 374 1.14 -7.97 8.84
CA GLU A 374 1.89 -8.65 9.89
C GLU A 374 1.11 -8.65 11.20
N ASP A 375 0.49 -7.53 11.56
CA ASP A 375 -0.32 -7.45 12.76
C ASP A 375 -1.65 -6.77 12.43
N LEU A 376 -1.70 -5.44 12.55
CA LEU A 376 -2.90 -4.68 12.24
C LEU A 376 -2.52 -3.53 11.31
N MET A 377 -3.33 -3.33 10.27
CA MET A 377 -3.15 -2.24 9.32
C MET A 377 -4.45 -1.50 9.18
N LEU A 378 -4.42 -0.20 9.47
CA LEU A 378 -5.57 0.69 9.34
C LEU A 378 -5.41 1.43 8.02
N GLY A 379 -6.09 0.95 6.98
CA GLY A 379 -6.03 1.58 5.67
C GLY A 379 -7.15 2.59 5.51
N VAL A 380 -6.78 3.81 5.18
CA VAL A 380 -7.72 4.93 5.04
C VAL A 380 -7.67 5.37 3.58
N TYR A 381 -8.68 4.97 2.81
CA TYR A 381 -8.83 5.41 1.43
C TYR A 381 -9.73 6.63 1.39
N TRP A 382 -9.27 7.69 0.74
CA TRP A 382 -9.97 8.97 0.74
C TRP A 382 -9.62 9.74 -0.52
N THR A 383 -10.63 10.03 -1.33
CA THR A 383 -10.46 10.94 -2.45
C THR A 383 -10.36 12.36 -1.92
N PRO A 384 -9.29 13.09 -2.19
CA PRO A 384 -9.17 14.47 -1.68
C PRO A 384 -10.31 15.36 -2.17
N GLY A 385 -11.18 15.76 -1.25
CA GLY A 385 -12.35 16.56 -1.61
C GLY A 385 -13.65 15.90 -1.21
N SER A 386 -13.70 14.57 -1.34
CA SER A 386 -14.92 13.83 -1.02
C SER A 386 -15.26 13.97 0.46
N HIS A 387 -16.54 13.72 0.76
CA HIS A 387 -17.02 13.70 2.14
C HIS A 387 -17.05 12.29 2.72
N GLN A 388 -16.33 11.36 2.10
CA GLN A 388 -16.41 9.95 2.47
C GLN A 388 -15.01 9.38 2.69
N LEU A 389 -14.95 8.39 3.58
CA LEU A 389 -13.72 7.65 3.87
C LEU A 389 -14.03 6.16 3.87
N ARG A 390 -13.10 5.37 3.35
CA ARG A 390 -13.15 3.91 3.49
C ARG A 390 -12.07 3.49 4.47
N ILE A 391 -12.46 2.77 5.52
CA ILE A 391 -11.55 2.36 6.58
C ILE A 391 -11.50 0.84 6.58
N ASP A 392 -10.31 0.30 6.37
CA ASP A 392 -10.07 -1.14 6.32
C ASP A 392 -9.20 -1.55 7.49
N PHE A 393 -9.71 -2.45 8.32
CA PHE A 393 -8.91 -3.13 9.33
C PHE A 393 -8.40 -4.43 8.70
N ASP A 394 -7.11 -4.47 8.38
CA ASP A 394 -6.48 -5.65 7.81
C ASP A 394 -5.63 -6.32 8.88
N ALA A 395 -5.96 -7.56 9.20
CA ALA A 395 -5.36 -8.24 10.34
C ALA A 395 -4.76 -9.58 9.92
N ASN A 396 -3.73 -9.98 10.64
CA ASN A 396 -3.14 -11.30 10.48
C ASN A 396 -4.12 -12.35 10.96
N PRO A 397 -4.51 -13.32 10.14
CA PRO A 397 -5.48 -14.35 10.60
C PRO A 397 -5.02 -15.14 11.80
N ALA A 398 -3.71 -15.19 12.07
CA ALA A 398 -3.23 -15.95 13.22
C ALA A 398 -3.50 -15.20 14.53
N CYS A 399 -3.43 -13.88 14.51
CA CYS A 399 -3.56 -13.08 15.73
C CYS A 399 -4.97 -12.58 15.97
N TYR A 400 -5.85 -12.61 14.97
CA TYR A 400 -7.20 -12.07 15.11
C TYR A 400 -8.20 -13.05 14.51
N THR A 401 -9.45 -12.89 14.92
CA THR A 401 -10.59 -13.58 14.35
C THR A 401 -11.57 -12.55 13.78
N PRO A 402 -12.32 -12.91 12.73
CA PRO A 402 -13.12 -11.90 12.03
C PRO A 402 -14.05 -11.07 12.91
N GLU A 403 -14.78 -11.72 13.82
CA GLU A 403 -15.72 -11.00 14.65
C GLU A 403 -15.02 -10.15 15.71
N GLY A 404 -13.89 -10.63 16.23
CA GLY A 404 -13.11 -9.80 17.14
C GLY A 404 -12.54 -8.58 16.47
N LEU A 405 -12.03 -8.74 15.24
CA LEU A 405 -11.56 -7.59 14.48
C LEU A 405 -12.71 -6.63 14.18
N GLY A 406 -13.90 -7.17 13.88
CA GLY A 406 -15.04 -6.31 13.64
C GLY A 406 -15.45 -5.52 14.88
N ALA A 407 -15.43 -6.16 16.04
CA ALA A 407 -15.74 -5.46 17.29
C ALA A 407 -14.71 -4.38 17.57
N HIS A 408 -13.43 -4.70 17.37
CA HIS A 408 -12.38 -3.69 17.52
C HIS A 408 -12.61 -2.51 16.58
N GLN A 409 -13.01 -2.79 15.33
CA GLN A 409 -13.23 -1.73 14.37
C GLN A 409 -14.41 -0.86 14.75
N ARG A 410 -15.52 -1.47 15.19
CA ARG A 410 -16.68 -0.69 15.61
C ARG A 410 -16.34 0.19 16.81
N ARG A 411 -15.66 -0.38 17.80
CA ARG A 411 -15.27 0.39 18.97
C ARG A 411 -14.32 1.52 18.59
N PHE A 412 -13.41 1.27 17.66
CA PHE A 412 -12.47 2.30 17.25
C PHE A 412 -13.16 3.41 16.48
N ILE A 413 -14.11 3.07 15.61
CA ILE A 413 -14.87 4.07 14.89
C ILE A 413 -15.62 4.97 15.87
N ARG A 414 -16.27 4.36 16.86
CA ARG A 414 -17.02 5.13 17.85
C ARG A 414 -16.10 6.02 18.68
N PHE A 415 -14.99 5.44 19.15
CA PHE A 415 -14.03 6.22 19.95
C PHE A 415 -13.46 7.37 19.16
N MET A 416 -13.19 7.15 17.86
CA MET A 416 -12.63 8.21 17.03
C MET A 416 -13.65 9.30 16.76
N GLN A 417 -14.92 8.93 16.55
CA GLN A 417 -15.96 9.94 16.37
C GLN A 417 -16.13 10.78 17.62
N VAL A 418 -16.16 10.14 18.80
CA VAL A 418 -16.28 10.89 20.04
C VAL A 418 -15.04 11.74 20.28
N LEU A 419 -13.87 11.27 19.86
CA LEU A 419 -12.64 12.03 20.01
C LEU A 419 -12.69 13.30 19.15
N ALA A 420 -13.07 13.15 17.88
CA ALA A 420 -13.18 14.32 17.01
C ALA A 420 -14.32 15.23 17.42
N ALA A 421 -15.31 14.72 18.17
CA ALA A 421 -16.40 15.57 18.64
C ALA A 421 -15.88 16.64 19.60
N ASP A 422 -14.95 16.27 20.49
CA ASP A 422 -14.38 17.21 21.45
C ASP A 422 -12.90 16.89 21.58
N ALA A 423 -12.07 17.64 20.86
CA ALA A 423 -10.63 17.40 20.88
C ALA A 423 -9.96 17.86 22.16
N THR A 424 -10.66 18.64 23.00
CA THR A 424 -10.08 19.12 24.25
C THR A 424 -10.31 18.16 25.41
N GLN A 425 -11.24 17.22 25.28
CA GLN A 425 -11.51 16.29 26.37
C GLN A 425 -10.40 15.26 26.46
N PRO A 426 -9.95 14.92 27.66
CA PRO A 426 -8.92 13.88 27.80
C PRO A 426 -9.41 12.54 27.28
N ILE A 427 -8.49 11.77 26.71
CA ILE A 427 -8.83 10.48 26.15
C ILE A 427 -9.16 9.45 27.22
N ASP A 428 -8.72 9.69 28.46
CA ASP A 428 -9.00 8.76 29.55
C ASP A 428 -10.44 8.83 30.04
N SER A 429 -11.28 9.67 29.45
CA SER A 429 -12.64 9.90 29.94
C SER A 429 -13.70 9.15 29.14
N ILE A 430 -13.50 8.98 27.83
CA ILE A 430 -14.52 8.36 26.98
C ILE A 430 -14.73 6.91 27.42
N ASP A 431 -15.99 6.48 27.44
CA ASP A 431 -16.38 5.22 28.05
C ASP A 431 -16.19 4.00 27.15
N LEU A 432 -15.89 4.20 25.86
CA LEU A 432 -15.70 3.11 24.92
C LEU A 432 -16.93 2.22 24.80
N LEU A 433 -16.78 1.04 24.22
CA LEU A 433 -17.90 0.18 23.87
C LEU A 433 -17.78 -1.18 24.55
N ASP A 434 -18.69 -2.08 24.17
CA ASP A 434 -18.70 -3.45 24.66
C ASP A 434 -17.68 -4.28 23.90
N1A CO8 B . 11.13 17.75 -1.32
C2A CO8 B . 9.99 17.40 -0.73
N3A CO8 B . 9.76 17.08 0.54
C4A CO8 B . 10.88 17.15 1.25
C5A CO8 B . 12.13 17.49 0.80
C6A CO8 B . 12.25 17.80 -0.56
N6A CO8 B . 13.39 18.16 -1.11
N7A CO8 B . 13.05 17.47 1.82
C8A CO8 B . 12.35 17.12 2.87
N9A CO8 B . 11.04 16.90 2.58
C1B CO8 B . 10.03 16.58 3.52
C2B CO8 B . 9.45 17.90 4.01
O2B CO8 B . 9.65 18.10 5.40
C3B CO8 B . 7.99 17.84 3.57
O3B CO8 B . 7.17 18.35 4.59
P3B CO8 B . 6.79 19.83 4.27
O7A CO8 B . 7.66 20.53 5.24
O8A CO8 B . 7.11 20.20 2.85
O9A CO8 B . 5.33 19.98 4.58
C4B CO8 B . 7.75 16.35 3.39
O4B CO8 B . 9.00 15.88 2.87
C5B CO8 B . 6.66 15.97 2.44
O5B CO8 B . 6.69 14.56 2.28
P1A CO8 B . 5.55 13.74 1.62
O1A CO8 B . 5.36 14.22 0.26
O2A CO8 B . 5.84 12.33 1.84
O3A CO8 B . 4.32 14.13 2.51
P2A CO8 B . 2.77 14.33 2.34
O4A CO8 B . 2.45 15.72 2.70
O5A CO8 B . 2.40 13.91 0.99
O6A CO8 B . 2.17 13.45 3.49
CBP CO8 B . 1.34 11.40 4.31
CCP CO8 B . 2.46 12.06 3.53
CDP CO8 B . 0.02 11.80 3.69
CEP CO8 B . 1.35 11.93 5.73
CAP CO8 B . 1.46 9.87 4.39
OAP CO8 B . 0.45 9.33 5.18
C9P CO8 B . 1.56 9.08 3.11
O9P CO8 B . 2.58 9.16 2.48
N8P CO8 B . 0.54 8.34 2.75
C7P CO8 B . 0.54 7.53 1.56
C6P CO8 B . 1.37 6.33 1.72
C5P CO8 B . 1.32 5.36 0.57
O5P CO8 B . 1.83 5.60 -0.49
N4P CO8 B . 0.70 4.22 0.80
C3P CO8 B . 0.78 3.10 -0.08
C2P CO8 B . 1.49 1.98 0.57
S1P CO8 B . 2.15 0.86 -0.68
C1' CO8 B . 1.03 -0.50 -0.55
O1' CO8 B . 0.74 -1.03 0.48
C2' CO8 B . 0.46 -0.96 -1.86
C3' CO8 B . -1.02 -0.70 -2.04
C4' CO8 B . -1.41 -0.68 -3.51
C5' CO8 B . -2.85 -0.84 -3.77
C6' CO8 B . -3.20 -2.03 -4.61
C7' CO8 B . -3.76 -1.65 -5.92
C8' CO8 B . -3.49 -2.67 -6.96
N FGU C . 5.51 -4.33 6.45
C FGU C . 4.48 -2.26 7.14
O FGU C . 6.69 -3.20 0.82
C1 FGU C . 5.70 -3.13 7.00
C2 FGU C . 4.93 -4.46 5.12
C3 FGU C . 5.77 -3.76 4.06
C4 FGU C . 5.65 -2.87 1.38
C5 FGU C . 5.02 -1.55 1.07
C6 FGU C . 4.27 -1.07 2.30
C7 FGU C . 5.05 -0.02 3.09
C8 FGU C . 6.55 -0.28 3.14
C9 FGU C . 4.79 1.36 2.52
N1 FGU C . 4.08 -1.69 -0.06
O1 FGU C . 6.81 -2.77 7.37
S FGU C . 4.95 -3.89 2.50
#